data_9LFF
#
_entry.id   9LFF
#
_cell.length_a   74.200
_cell.length_b   114.910
_cell.length_c   46.050
_cell.angle_alpha   90.00
_cell.angle_beta   90.00
_cell.angle_gamma   90.00
#
_symmetry.space_group_name_H-M   'P 21 21 2'
#
loop_
_entity.id
_entity.type
_entity.pdbx_description
1 polymer 'SN-glycerol-3-phophate ABC transporter, periplasmic SN-glycerol-3-phosphate-binding protein'
2 non-polymer SN-GLYCEROL-1-PHOSPHATE
3 water water
#
_entity_poly.entity_id   1
_entity_poly.type   'polypeptide(L)'
_entity_poly.pdbx_seq_one_letter_code
;MGSSHHHHHHSSGLVPRGSHMSIKSLLCTSAILASTAGVAFAETEVQWWHAMGGANGERVNKIAEDFNATQSEYKVVPVY
KGNYTETMTAAIAAFRAKEHPQIVQVFEVGTATMMAAKGAIYPVEKLMNDAGEAFDGDAFLPAVVSYYETPEGELLSMPF
NSSTPVMWYNKTALDAAGASVPTTWDEVKETAQKLVDNGMDCGVSFGWQSWVMVENFSAWHNIGMGTKENGFAGFDTEFS
FNNEAVAARLDGIAAMSEGNLFKYGGRRGDSLPMFTNGECGMWMNSSAYYGSIKSQAEFEFGQTMLPLDTSVADAPQNSI
IGGATLWVLAGHDEEEYKGTAQFLTYLSSPEVQAWWHQETGYVPITTAAYELSKEQGFYESNPGTDTAIQQLSLNTPTPN
SRGLRFGNFVQVRDVINEELEAVWAGDKSATDALNAAAERGNTLLRKFERSAK
;
_entity_poly.pdbx_strand_id   A
#
# COMPACT_ATOMS: atom_id res chain seq x y z
N GLU A 43 -15.49 18.80 -25.69
CA GLU A 43 -15.10 18.49 -24.31
C GLU A 43 -13.59 18.60 -24.08
N THR A 44 -13.23 19.04 -22.89
CA THR A 44 -11.83 19.09 -22.48
C THR A 44 -11.46 17.79 -21.81
N GLU A 45 -10.35 17.20 -22.24
CA GLU A 45 -9.92 15.91 -21.72
C GLU A 45 -9.00 16.06 -20.51
N VAL A 46 -9.19 15.17 -19.53
CA VAL A 46 -8.37 15.11 -18.33
C VAL A 46 -7.75 13.73 -18.34
N GLN A 47 -6.45 13.66 -18.61
CA GLN A 47 -5.75 12.37 -18.63
C GLN A 47 -5.33 11.99 -17.22
N TRP A 48 -5.65 10.75 -16.84
CA TRP A 48 -5.33 10.21 -15.52
C TRP A 48 -4.51 8.94 -15.72
N TRP A 49 -3.21 9.01 -15.45
CA TRP A 49 -2.33 7.86 -15.56
C TRP A 49 -2.30 7.15 -14.21
N HIS A 50 -2.53 5.83 -14.24
CA HIS A 50 -2.66 5.08 -13.00
C HIS A 50 -2.08 3.68 -13.17
N ALA A 51 -1.94 3.00 -12.04
CA ALA A 51 -1.32 1.69 -11.95
C ALA A 51 -2.30 0.62 -11.50
N MET A 52 -3.60 0.89 -11.60
CA MET A 52 -4.59 -0.09 -11.15
C MET A 52 -4.86 -1.10 -12.25
N GLY A 53 -4.45 -2.35 -12.00
CA GLY A 53 -4.71 -3.43 -12.92
C GLY A 53 -5.82 -4.33 -12.41
N GLY A 54 -6.08 -5.38 -13.19
CA GLY A 54 -7.01 -6.41 -12.76
C GLY A 54 -8.39 -5.85 -12.48
N ALA A 55 -9.03 -6.43 -11.46
CA ALA A 55 -10.37 -6.00 -11.08
C ALA A 55 -10.41 -4.53 -10.67
N ASN A 56 -9.44 -4.10 -9.86
CA ASN A 56 -9.51 -2.71 -9.38
C ASN A 56 -9.35 -1.70 -10.52
N GLY A 57 -8.61 -2.06 -11.56
CA GLY A 57 -8.50 -1.16 -12.71
C GLY A 57 -9.80 -1.02 -13.45
N GLU A 58 -10.59 -2.07 -13.49
CA GLU A 58 -11.90 -1.96 -14.13
C GLU A 58 -12.79 -1.01 -13.34
N ARG A 59 -12.59 -0.95 -12.05
CA ARG A 59 -13.35 -0.04 -11.25
C ARG A 59 -12.91 1.40 -11.48
N VAL A 60 -11.61 1.62 -11.69
CA VAL A 60 -11.15 2.96 -12.06
C VAL A 60 -11.89 3.43 -13.31
N ASN A 61 -11.99 2.54 -14.30
CA ASN A 61 -12.64 2.92 -15.55
C ASN A 61 -14.11 3.22 -15.32
N LYS A 62 -14.76 2.48 -14.42
CA LYS A 62 -16.16 2.77 -14.11
C LYS A 62 -16.32 4.11 -13.41
N ILE A 63 -15.42 4.44 -12.48
CA ILE A 63 -15.48 5.74 -11.80
C ILE A 63 -15.30 6.88 -12.80
N ALA A 64 -14.29 6.80 -13.65
CA ALA A 64 -14.05 7.85 -14.62
C ALA A 64 -15.26 8.05 -15.52
N GLU A 65 -15.85 6.95 -16.01
CA GLU A 65 -16.96 7.07 -16.94
C GLU A 65 -18.23 7.57 -16.26
N ASP A 66 -18.45 7.20 -15.00
CA ASP A 66 -19.60 7.74 -14.28
C ASP A 66 -19.48 9.26 -14.16
N PHE A 67 -18.30 9.78 -13.82
CA PHE A 67 -18.10 11.23 -13.83
C PHE A 67 -18.37 11.80 -15.22
N ASN A 68 -17.86 11.14 -16.26
CA ASN A 68 -18.07 11.61 -17.62
C ASN A 68 -19.54 11.67 -17.98
N ALA A 69 -20.34 10.77 -17.43
CA ALA A 69 -21.76 10.74 -17.77
C ALA A 69 -22.57 11.78 -17.01
N THR A 70 -22.03 12.40 -15.95
CA THR A 70 -22.79 13.34 -15.14
C THR A 70 -22.76 14.77 -15.66
N GLN A 71 -21.85 15.09 -16.56
CA GLN A 71 -21.74 16.45 -17.08
C GLN A 71 -21.15 16.37 -18.49
N SER A 72 -21.19 17.48 -19.21
CA SER A 72 -20.87 17.44 -20.62
C SER A 72 -19.70 18.36 -20.99
N GLU A 73 -18.87 18.76 -20.01
CA GLU A 73 -17.75 19.66 -20.29
C GLU A 73 -16.41 18.95 -20.26
N TYR A 74 -16.25 17.96 -19.38
CA TYR A 74 -14.95 17.34 -19.15
C TYR A 74 -15.04 15.83 -19.33
N LYS A 75 -14.01 15.27 -19.95
CA LYS A 75 -13.92 13.83 -20.16
C LYS A 75 -12.62 13.35 -19.52
N VAL A 76 -12.76 12.57 -18.45
CA VAL A 76 -11.62 11.92 -17.81
C VAL A 76 -11.26 10.66 -18.58
N VAL A 77 -9.99 10.55 -18.94
CA VAL A 77 -9.45 9.43 -19.71
C VAL A 77 -8.42 8.71 -18.84
N PRO A 78 -8.81 7.63 -18.18
CA PRO A 78 -7.83 6.84 -17.42
C PRO A 78 -6.95 6.04 -18.36
N VAL A 79 -5.65 6.04 -18.07
CA VAL A 79 -4.67 5.32 -18.88
C VAL A 79 -3.83 4.47 -17.94
N TYR A 80 -3.89 3.15 -18.10
CA TYR A 80 -3.05 2.25 -17.33
C TYR A 80 -1.62 2.31 -17.84
N LYS A 81 -0.67 2.63 -16.95
CA LYS A 81 0.73 2.78 -17.36
C LYS A 81 1.65 1.72 -16.76
N GLY A 82 1.11 0.64 -16.20
CA GLY A 82 1.91 -0.43 -15.62
C GLY A 82 1.85 -0.47 -14.11
N ASN A 83 2.85 -1.12 -13.52
CA ASN A 83 2.87 -1.16 -12.06
C ASN A 83 3.19 0.25 -11.53
N TYR A 84 3.23 0.37 -10.19
CA TYR A 84 3.38 1.70 -9.58
C TYR A 84 4.67 2.37 -10.02
N THR A 85 5.77 1.63 -10.07
CA THR A 85 7.02 2.24 -10.48
C THR A 85 6.98 2.67 -11.93
N GLU A 86 6.45 1.81 -12.80
CA GLU A 86 6.35 2.15 -14.22
C GLU A 86 5.46 3.37 -14.45
N THR A 87 4.37 3.45 -13.69
CA THR A 87 3.44 4.56 -13.85
C THR A 87 4.08 5.87 -13.41
N MET A 88 4.70 5.87 -12.23
CA MET A 88 5.42 7.06 -11.77
C MET A 88 6.51 7.47 -12.74
N THR A 89 7.30 6.50 -13.17
CA THR A 89 8.40 6.75 -14.09
C THR A 89 7.89 7.35 -15.39
N ALA A 90 6.81 6.79 -15.95
CA ALA A 90 6.28 7.27 -17.23
C ALA A 90 5.80 8.71 -17.11
N ALA A 91 5.09 9.04 -16.03
CA ALA A 91 4.57 10.39 -15.89
C ALA A 91 5.71 11.40 -15.76
N ILE A 92 6.74 11.06 -14.99
CA ILE A 92 7.85 12.00 -14.82
C ILE A 92 8.61 12.17 -16.12
N ALA A 93 8.80 11.08 -16.87
CA ALA A 93 9.53 11.14 -18.13
C ALA A 93 8.77 11.94 -19.18
N ALA A 94 7.44 11.92 -19.13
CA ALA A 94 6.64 12.64 -20.09
C ALA A 94 6.62 14.14 -19.84
N PHE A 95 7.10 14.60 -18.67
CA PHE A 95 6.86 15.97 -18.26
C PHE A 95 7.59 16.95 -19.17
N ARG A 96 8.88 16.75 -19.42
CA ARG A 96 9.58 17.74 -20.23
C ARG A 96 9.27 17.59 -21.71
N ALA A 97 8.77 16.43 -22.16
CA ALA A 97 8.22 16.30 -23.50
C ALA A 97 6.83 16.91 -23.63
N LYS A 98 6.29 17.47 -22.54
CA LYS A 98 4.95 18.07 -22.51
C LYS A 98 3.89 17.10 -23.01
N GLU A 99 4.07 15.82 -22.70
CA GLU A 99 3.10 14.77 -22.99
C GLU A 99 2.55 14.14 -21.73
N HIS A 100 2.73 14.82 -20.61
CA HIS A 100 2.40 14.29 -19.30
C HIS A 100 0.92 14.47 -18.98
N PRO A 101 0.37 13.64 -18.10
CA PRO A 101 -1.04 13.71 -17.77
C PRO A 101 -1.36 14.88 -16.84
N GLN A 102 -2.67 15.12 -16.69
CA GLN A 102 -3.14 16.04 -15.67
C GLN A 102 -3.00 15.42 -14.28
N ILE A 103 -3.31 14.14 -14.13
CA ILE A 103 -3.27 13.42 -12.86
C ILE A 103 -2.41 12.19 -13.00
N VAL A 104 -1.56 11.92 -12.01
CA VAL A 104 -0.83 10.65 -11.97
C VAL A 104 -1.00 10.03 -10.59
N GLN A 105 -1.31 8.73 -10.57
CA GLN A 105 -1.33 7.96 -9.34
C GLN A 105 0.10 7.57 -8.96
N VAL A 106 0.57 8.04 -7.81
CA VAL A 106 1.92 7.73 -7.31
C VAL A 106 1.79 7.00 -5.99
N PHE A 107 2.37 5.80 -5.91
CA PHE A 107 2.27 5.05 -4.67
C PHE A 107 3.02 5.72 -3.53
N GLU A 108 2.69 5.26 -2.32
CA GLU A 108 3.22 5.83 -1.08
C GLU A 108 4.74 5.88 -1.11
N VAL A 109 5.36 4.88 -1.73
CA VAL A 109 6.80 4.79 -1.86
C VAL A 109 7.38 6.05 -2.50
N GLY A 110 6.67 6.62 -3.48
CA GLY A 110 7.21 7.74 -4.22
C GLY A 110 6.94 9.10 -3.62
N THR A 111 6.36 9.16 -2.42
CA THR A 111 5.86 10.43 -1.90
C THR A 111 6.98 11.44 -1.65
N ALA A 112 8.08 11.01 -1.02
CA ALA A 112 9.14 11.96 -0.74
C ALA A 112 9.70 12.56 -2.02
N THR A 113 9.87 11.72 -3.04
CA THR A 113 10.35 12.19 -4.34
C THR A 113 9.38 13.20 -4.96
N MET A 114 8.07 12.93 -4.90
CA MET A 114 7.11 13.87 -5.46
C MET A 114 7.08 15.18 -4.67
N MET A 115 7.19 15.12 -3.34
CA MET A 115 7.19 16.32 -2.52
C MET A 115 8.39 17.20 -2.82
N ALA A 116 9.52 16.60 -3.21
CA ALA A 116 10.71 17.37 -3.54
C ALA A 116 10.66 17.91 -4.97
N ALA A 117 9.70 17.47 -5.77
CA ALA A 117 9.58 17.89 -7.18
C ALA A 117 8.77 19.17 -7.30
N LYS A 118 9.16 20.18 -6.53
CA LYS A 118 8.51 21.48 -6.64
C LYS A 118 8.76 22.07 -8.01
N GLY A 119 7.70 22.62 -8.60
CA GLY A 119 7.73 23.04 -9.96
C GLY A 119 7.11 22.05 -10.93
N ALA A 120 7.12 20.76 -10.58
CA ALA A 120 6.45 19.76 -11.41
C ALA A 120 5.02 19.51 -10.99
N ILE A 121 4.63 19.92 -9.79
CA ILE A 121 3.30 19.59 -9.30
C ILE A 121 2.48 20.86 -9.02
N TYR A 122 1.18 20.70 -9.14
CA TYR A 122 0.21 21.72 -8.82
C TYR A 122 -0.40 21.31 -7.49
N PRO A 123 -0.04 21.95 -6.37
CA PRO A 123 -0.56 21.49 -5.07
C PRO A 123 -2.08 21.46 -5.05
N VAL A 124 -2.64 20.34 -4.56
CA VAL A 124 -4.07 20.08 -4.72
C VAL A 124 -4.92 21.15 -4.02
N GLU A 125 -4.48 21.63 -2.85
CA GLU A 125 -5.26 22.66 -2.15
C GLU A 125 -5.33 23.94 -2.97
N LYS A 126 -4.25 24.29 -3.65
CA LYS A 126 -4.25 25.46 -4.54
C LYS A 126 -5.12 25.21 -5.77
N LEU A 127 -4.99 24.04 -6.38
CA LEU A 127 -5.84 23.69 -7.53
C LEU A 127 -7.31 23.82 -7.17
N MET A 128 -7.72 23.21 -6.06
CA MET A 128 -9.14 23.22 -5.73
C MET A 128 -9.62 24.64 -5.45
N ASN A 129 -8.83 25.43 -4.72
CA ASN A 129 -9.27 26.81 -4.46
C ASN A 129 -9.32 27.62 -5.75
N ASP A 130 -8.30 27.46 -6.61
CA ASP A 130 -8.27 28.19 -7.88
C ASP A 130 -9.48 27.89 -8.75
N ALA A 131 -9.99 26.66 -8.69
CA ALA A 131 -11.09 26.25 -9.55
C ALA A 131 -12.45 26.42 -8.87
N GLY A 132 -12.49 26.78 -7.59
CA GLY A 132 -13.75 26.87 -6.90
C GLY A 132 -14.32 25.55 -6.44
N GLU A 133 -13.47 24.61 -6.03
CA GLU A 133 -13.91 23.35 -5.46
C GLU A 133 -13.43 23.24 -4.02
N ALA A 134 -14.24 22.58 -3.19
CA ALA A 134 -13.90 22.41 -1.78
C ALA A 134 -12.75 21.44 -1.60
N PHE A 135 -11.94 21.68 -0.58
CA PHE A 135 -10.96 20.69 -0.17
C PHE A 135 -10.82 20.79 1.33
N ASP A 136 -11.14 19.71 2.03
CA ASP A 136 -11.07 19.66 3.49
C ASP A 136 -10.19 18.48 3.88
N GLY A 137 -8.90 18.76 4.07
CA GLY A 137 -7.97 17.70 4.43
C GLY A 137 -8.34 16.97 5.71
N ASP A 138 -8.96 17.67 6.66
CA ASP A 138 -9.31 17.03 7.92
C ASP A 138 -10.37 15.95 7.79
N ALA A 139 -11.04 15.84 6.63
CA ALA A 139 -12.04 14.78 6.47
C ALA A 139 -11.39 13.42 6.29
N PHE A 140 -10.14 13.37 5.84
CA PHE A 140 -9.51 12.10 5.57
C PHE A 140 -9.11 11.44 6.90
N LEU A 141 -8.90 10.13 6.84
CA LEU A 141 -8.50 9.41 8.05
C LEU A 141 -7.26 10.06 8.68
N PRO A 142 -7.19 10.13 10.00
CA PRO A 142 -5.99 10.74 10.61
C PRO A 142 -4.69 10.10 10.14
N ALA A 143 -4.66 8.77 9.98
CA ALA A 143 -3.45 8.08 9.52
C ALA A 143 -3.04 8.56 8.14
N VAL A 144 -4.02 8.79 7.26
CA VAL A 144 -3.75 9.30 5.91
C VAL A 144 -3.19 10.71 5.98
N VAL A 145 -3.84 11.60 6.73
CA VAL A 145 -3.36 12.97 6.88
C VAL A 145 -1.94 12.98 7.43
N SER A 146 -1.69 12.24 8.51
CA SER A 146 -0.37 12.26 9.13
C SER A 146 0.70 11.68 8.22
N TYR A 147 0.32 10.74 7.35
CA TYR A 147 1.28 10.11 6.44
C TYR A 147 1.67 11.06 5.33
N TYR A 148 0.71 11.80 4.78
CA TYR A 148 0.93 12.52 3.53
C TYR A 148 1.10 14.03 3.69
N GLU A 149 0.81 14.60 4.86
CA GLU A 149 0.94 16.04 4.99
C GLU A 149 2.40 16.48 5.02
N THR A 150 2.66 17.65 4.43
CA THR A 150 3.97 18.27 4.51
C THR A 150 4.25 18.62 5.97
N PRO A 151 5.50 18.98 6.29
CA PRO A 151 5.79 19.40 7.67
C PRO A 151 5.05 20.68 8.07
N GLU A 152 4.35 21.33 7.14
CA GLU A 152 3.57 22.52 7.42
C GLU A 152 2.07 22.24 7.46
N GLY A 153 1.68 20.97 7.35
CA GLY A 153 0.30 20.56 7.49
C GLY A 153 -0.51 20.56 6.22
N GLU A 154 0.11 20.67 5.05
CA GLU A 154 -0.58 20.74 3.78
C GLU A 154 -0.60 19.37 3.11
N LEU A 155 -1.72 19.01 2.50
CA LEU A 155 -1.76 17.85 1.60
C LEU A 155 -1.51 18.36 0.19
N LEU A 156 -0.47 17.86 -0.46
CA LEU A 156 -0.14 18.30 -1.80
C LEU A 156 -0.85 17.46 -2.86
N SER A 157 -1.25 16.26 -2.52
CA SER A 157 -1.90 15.32 -3.42
C SER A 157 -3.24 14.90 -2.83
N MET A 158 -4.07 14.29 -3.69
CA MET A 158 -5.43 13.91 -3.32
C MET A 158 -5.44 12.47 -2.84
N PRO A 159 -5.82 12.20 -1.59
CA PRO A 159 -6.02 10.81 -1.18
C PRO A 159 -7.06 10.13 -2.05
N PHE A 160 -6.86 8.82 -2.27
CA PHE A 160 -7.75 8.03 -3.10
C PHE A 160 -7.74 6.56 -2.70
N ASN A 161 -6.61 5.87 -2.85
CA ASN A 161 -6.54 4.43 -2.58
C ASN A 161 -5.44 4.16 -1.54
N SER A 162 -5.84 4.12 -0.27
CA SER A 162 -4.92 3.77 0.81
C SER A 162 -5.26 2.38 1.32
N SER A 163 -4.21 1.67 1.71
CA SER A 163 -4.32 0.28 2.11
C SER A 163 -3.42 0.04 3.30
N THR A 164 -3.49 -1.20 3.78
CA THR A 164 -2.54 -1.75 4.74
C THR A 164 -2.56 -3.26 4.53
N PRO A 165 -1.47 -3.96 4.85
CA PRO A 165 -1.48 -5.41 4.63
C PRO A 165 -2.28 -6.12 5.71
N VAL A 166 -2.95 -7.19 5.29
CA VAL A 166 -3.71 -8.03 6.20
C VAL A 166 -3.28 -9.48 5.97
N MET A 167 -3.66 -10.35 6.93
CA MET A 167 -3.49 -11.79 6.80
C MET A 167 -4.73 -12.38 6.16
N TRP A 168 -4.62 -12.73 4.88
CA TRP A 168 -5.68 -13.43 4.16
C TRP A 168 -5.58 -14.93 4.46
N TYR A 169 -6.73 -15.60 4.54
CA TYR A 169 -6.67 -17.03 4.79
C TYR A 169 -7.80 -17.77 4.12
N ASN A 170 -7.54 -19.04 3.82
CA ASN A 170 -8.46 -19.97 3.17
C ASN A 170 -9.14 -20.74 4.30
N LYS A 171 -10.31 -20.24 4.70
CA LYS A 171 -11.03 -20.85 5.82
C LYS A 171 -11.41 -22.30 5.54
N THR A 172 -11.84 -22.59 4.31
CA THR A 172 -12.14 -23.97 3.94
C THR A 172 -10.95 -24.89 4.19
N ALA A 173 -9.75 -24.47 3.78
CA ALA A 173 -8.56 -25.29 3.97
C ALA A 173 -8.16 -25.37 5.43
N LEU A 174 -8.29 -24.26 6.17
CA LEU A 174 -8.01 -24.30 7.62
C LEU A 174 -8.91 -25.32 8.31
N ASP A 175 -10.21 -25.28 8.00
CA ASP A 175 -11.15 -26.21 8.63
C ASP A 175 -10.81 -27.65 8.30
N ALA A 176 -10.48 -27.94 7.04
CA ALA A 176 -10.13 -29.30 6.65
C ALA A 176 -8.89 -29.80 7.39
N ALA A 177 -7.96 -28.89 7.69
CA ALA A 177 -6.72 -29.24 8.37
C ALA A 177 -6.84 -29.21 9.89
N GLY A 178 -8.03 -28.90 10.41
CA GLY A 178 -8.19 -28.76 11.85
C GLY A 178 -7.36 -27.64 12.42
N ALA A 179 -7.13 -26.59 11.63
CA ALA A 179 -6.30 -25.46 12.05
C ALA A 179 -7.18 -24.27 12.40
N SER A 180 -6.60 -23.34 13.13
CA SER A 180 -7.26 -22.13 13.58
C SER A 180 -6.63 -20.91 12.91
N VAL A 181 -7.41 -19.84 12.82
CA VAL A 181 -6.91 -18.56 12.29
C VAL A 181 -5.82 -18.03 13.22
N PRO A 182 -4.62 -17.77 12.71
CA PRO A 182 -3.52 -17.40 13.60
C PRO A 182 -3.50 -15.93 13.99
N THR A 183 -3.01 -15.67 15.21
CA THR A 183 -2.74 -14.32 15.68
C THR A 183 -1.26 -14.05 15.90
N THR A 184 -0.45 -15.10 16.07
CA THR A 184 0.97 -14.96 16.35
C THR A 184 1.78 -15.67 15.28
N TRP A 185 3.08 -15.34 15.22
CA TRP A 185 3.95 -16.00 14.27
C TRP A 185 4.15 -17.48 14.62
N ASP A 186 4.16 -17.84 15.90
CA ASP A 186 4.17 -19.25 16.25
C ASP A 186 2.94 -19.97 15.69
N GLU A 187 1.77 -19.32 15.79
CA GLU A 187 0.55 -19.91 15.25
C GLU A 187 0.57 -19.95 13.72
N VAL A 188 1.19 -18.97 13.07
CA VAL A 188 1.36 -19.05 11.63
C VAL A 188 2.10 -20.33 11.25
N LYS A 189 3.21 -20.60 11.94
CA LYS A 189 4.02 -21.76 11.58
C LYS A 189 3.26 -23.06 11.86
N GLU A 190 2.58 -23.12 13.00
CA GLU A 190 1.81 -24.32 13.35
C GLU A 190 0.66 -24.54 12.38
N THR A 191 -0.06 -23.47 12.01
CA THR A 191 -1.12 -23.59 11.02
C THR A 191 -0.59 -24.04 9.67
N ALA A 192 0.55 -23.49 9.26
CA ALA A 192 1.18 -23.90 8.00
C ALA A 192 1.48 -25.39 8.03
N GLN A 193 1.96 -25.87 9.18
CA GLN A 193 2.30 -27.29 9.28
C GLN A 193 1.05 -28.15 9.14
N LYS A 194 -0.05 -27.73 9.76
CA LYS A 194 -1.30 -28.49 9.65
C LYS A 194 -1.82 -28.48 8.22
N LEU A 195 -1.69 -27.35 7.53
CA LEU A 195 -2.17 -27.27 6.15
C LEU A 195 -1.40 -28.22 5.24
N VAL A 196 -0.07 -28.17 5.30
CA VAL A 196 0.74 -29.00 4.44
C VAL A 196 0.62 -30.47 4.82
N ASP A 197 0.53 -30.77 6.13
CA ASP A 197 0.25 -32.15 6.55
C ASP A 197 -1.04 -32.67 5.94
N ASN A 198 -2.02 -31.79 5.70
CA ASN A 198 -3.30 -32.13 5.12
C ASN A 198 -3.30 -32.02 3.60
N GLY A 199 -2.14 -31.85 2.98
CA GLY A 199 -2.02 -31.89 1.54
C GLY A 199 -2.03 -30.56 0.82
N MET A 200 -2.17 -29.44 1.54
CA MET A 200 -1.99 -28.14 0.90
C MET A 200 -0.61 -28.04 0.27
N ASP A 201 -0.55 -27.38 -0.91
CA ASP A 201 0.72 -27.23 -1.58
C ASP A 201 1.72 -26.46 -0.73
N CYS A 202 1.27 -25.41 -0.05
CA CYS A 202 2.13 -24.71 0.90
C CYS A 202 1.28 -23.98 1.93
N GLY A 203 1.94 -23.57 3.02
CA GLY A 203 1.23 -23.01 4.14
C GLY A 203 0.98 -21.51 4.02
N VAL A 204 2.05 -20.73 3.91
CA VAL A 204 1.95 -19.27 3.92
C VAL A 204 2.87 -18.69 2.85
N SER A 205 2.44 -17.56 2.28
CA SER A 205 3.31 -16.71 1.47
C SER A 205 2.88 -15.26 1.70
N PHE A 206 3.51 -14.35 0.97
CA PHE A 206 3.18 -12.93 1.07
C PHE A 206 3.63 -12.22 -0.18
N GLY A 207 2.90 -11.15 -0.52
CA GLY A 207 3.30 -10.25 -1.57
C GLY A 207 3.89 -8.99 -0.98
N TRP A 208 4.26 -8.05 -1.88
CA TRP A 208 4.90 -6.80 -1.49
C TRP A 208 5.79 -6.99 -0.27
N GLN A 209 6.81 -7.85 -0.40
CA GLN A 209 7.46 -8.37 0.79
C GLN A 209 8.16 -7.29 1.62
N SER A 210 8.73 -6.26 1.00
CA SER A 210 9.33 -5.22 1.83
C SER A 210 8.25 -4.47 2.61
N TRP A 211 7.17 -4.12 1.92
CA TRP A 211 6.07 -3.44 2.61
C TRP A 211 5.51 -4.30 3.72
N VAL A 212 5.38 -5.61 3.50
CA VAL A 212 4.76 -6.50 4.49
C VAL A 212 5.74 -6.88 5.59
N MET A 213 6.87 -7.46 5.21
CA MET A 213 7.73 -8.12 6.19
C MET A 213 8.88 -7.27 6.69
N VAL A 214 9.06 -6.06 6.17
CA VAL A 214 10.07 -5.16 6.69
C VAL A 214 9.39 -3.91 7.24
N GLU A 215 8.66 -3.20 6.39
CA GLU A 215 8.11 -1.90 6.78
C GLU A 215 6.95 -2.07 7.75
N ASN A 216 5.94 -2.86 7.37
CA ASN A 216 4.83 -3.06 8.29
C ASN A 216 5.24 -3.93 9.46
N PHE A 217 6.11 -4.92 9.25
CA PHE A 217 6.59 -5.68 10.39
C PHE A 217 7.21 -4.77 11.43
N SER A 218 8.00 -3.80 10.99
CA SER A 218 8.64 -2.88 11.94
C SER A 218 7.61 -2.03 12.66
N ALA A 219 6.70 -1.39 11.92
CA ALA A 219 5.68 -0.56 12.57
C ALA A 219 4.82 -1.38 13.53
N TRP A 220 4.44 -2.59 13.13
CA TRP A 220 3.58 -3.45 13.93
C TRP A 220 4.22 -3.80 15.27
N HIS A 221 5.56 -3.84 15.32
CA HIS A 221 6.28 -4.16 16.55
C HIS A 221 6.97 -2.94 17.15
N ASN A 222 6.60 -1.75 16.69
CA ASN A 222 7.15 -0.48 17.18
C ASN A 222 8.67 -0.43 17.17
N ILE A 223 9.28 -0.85 16.04
CA ILE A 223 10.70 -0.64 15.85
C ILE A 223 10.91 0.22 14.61
N GLY A 224 12.01 0.98 14.62
CA GLY A 224 12.23 1.98 13.60
C GLY A 224 12.68 1.38 12.28
N MET A 225 12.23 2.00 11.19
CA MET A 225 12.68 1.61 9.85
C MET A 225 13.86 2.46 9.40
N GLY A 226 13.93 3.71 9.82
CA GLY A 226 15.10 4.54 9.58
C GLY A 226 15.18 5.61 10.65
N THR A 227 16.36 6.23 10.75
CA THR A 227 16.54 7.32 11.70
C THR A 227 15.72 8.54 11.26
N LYS A 228 15.79 9.61 12.06
CA LYS A 228 15.00 10.81 11.81
C LYS A 228 13.53 10.46 11.60
N GLU A 229 12.99 9.67 12.54
CA GLU A 229 11.59 9.26 12.57
C GLU A 229 11.13 8.73 11.21
N ASN A 230 11.83 7.69 10.75
CA ASN A 230 11.53 7.05 9.46
C ASN A 230 11.51 8.06 8.32
N GLY A 231 12.39 9.06 8.40
CA GLY A 231 12.54 10.03 7.34
C GLY A 231 11.69 11.27 7.49
N PHE A 232 10.71 11.27 8.40
CA PHE A 232 9.84 12.43 8.54
C PHE A 232 10.57 13.63 9.14
N ALA A 233 11.67 13.42 9.86
CA ALA A 233 12.34 14.53 10.54
C ALA A 233 13.61 15.00 9.83
N GLY A 234 13.91 14.52 8.64
CA GLY A 234 15.09 15.02 7.96
C GLY A 234 15.53 14.13 6.83
N PHE A 235 16.22 14.77 5.89
CA PHE A 235 16.86 14.09 4.77
C PHE A 235 18.15 13.38 5.17
N ASP A 236 18.69 13.67 6.36
CA ASP A 236 19.89 12.99 6.82
C ASP A 236 19.56 11.69 7.54
N THR A 237 18.55 11.00 7.05
CA THR A 237 18.12 9.71 7.59
C THR A 237 19.01 8.59 7.06
N GLU A 238 19.09 7.50 7.83
CA GLU A 238 19.72 6.26 7.38
C GLU A 238 18.88 5.09 7.87
N PHE A 239 19.03 3.95 7.20
CA PHE A 239 18.14 2.84 7.49
C PHE A 239 18.51 2.11 8.78
N SER A 240 17.48 1.58 9.44
CA SER A 240 17.63 0.93 10.74
C SER A 240 16.98 -0.44 10.78
N PHE A 241 16.47 -0.94 9.65
CA PHE A 241 15.74 -2.21 9.66
C PHE A 241 16.67 -3.41 9.70
N ASN A 242 17.98 -3.20 9.57
CA ASN A 242 18.97 -4.27 9.64
C ASN A 242 19.27 -4.54 11.12
N ASN A 243 18.31 -5.19 11.77
CA ASN A 243 18.38 -5.44 13.21
C ASN A 243 17.94 -6.87 13.49
N GLU A 244 18.22 -7.31 14.72
CA GLU A 244 18.02 -8.72 15.07
C GLU A 244 16.56 -9.15 14.97
N ALA A 245 15.63 -8.26 15.32
CA ALA A 245 14.22 -8.62 15.31
C ALA A 245 13.73 -8.92 13.90
N VAL A 246 14.07 -8.04 12.95
CA VAL A 246 13.66 -8.28 11.57
C VAL A 246 14.41 -9.49 11.02
N ALA A 247 15.72 -9.57 11.26
CA ALA A 247 16.50 -10.66 10.69
C ALA A 247 16.03 -12.02 11.21
N ALA A 248 15.76 -12.12 12.52
CA ALA A 248 15.34 -13.41 13.07
C ALA A 248 14.03 -13.88 12.44
N ARG A 249 13.11 -12.95 12.16
CA ARG A 249 11.86 -13.39 11.55
C ARG A 249 12.07 -13.83 10.11
N LEU A 250 12.87 -13.09 9.35
CA LEU A 250 13.13 -13.50 7.97
C LEU A 250 13.82 -14.85 7.93
N ASP A 251 14.77 -15.09 8.85
CA ASP A 251 15.43 -16.39 8.88
C ASP A 251 14.45 -17.49 9.22
N GLY A 252 13.54 -17.21 10.16
CA GLY A 252 12.52 -18.19 10.50
C GLY A 252 11.62 -18.52 9.32
N ILE A 253 11.27 -17.51 8.53
CA ILE A 253 10.45 -17.75 7.35
C ILE A 253 11.22 -18.58 6.32
N ALA A 254 12.49 -18.23 6.10
CA ALA A 254 13.32 -18.98 5.16
C ALA A 254 13.43 -20.44 5.56
N ALA A 255 13.60 -20.70 6.85
CA ALA A 255 13.66 -22.08 7.32
C ALA A 255 12.37 -22.84 7.05
N MET A 256 11.25 -22.14 6.88
CA MET A 256 9.98 -22.79 6.61
C MET A 256 9.85 -23.24 5.17
N SER A 257 10.83 -22.92 4.31
CA SER A 257 10.78 -23.38 2.93
C SER A 257 10.90 -24.89 2.86
N GLU A 258 11.72 -25.47 3.72
CA GLU A 258 11.79 -26.92 3.84
C GLU A 258 10.46 -27.45 4.34
N GLY A 259 9.91 -28.42 3.63
CA GLY A 259 8.58 -28.88 3.95
C GLY A 259 7.48 -28.04 3.36
N ASN A 260 7.82 -26.98 2.63
CA ASN A 260 6.88 -26.11 1.91
C ASN A 260 5.92 -25.38 2.84
N LEU A 261 6.31 -25.16 4.10
CA LEU A 261 5.46 -24.35 4.96
C LEU A 261 5.36 -22.92 4.42
N PHE A 262 6.46 -22.43 3.88
CA PHE A 262 6.56 -21.14 3.20
C PHE A 262 6.97 -21.40 1.75
N LYS A 263 6.41 -20.65 0.82
CA LYS A 263 6.92 -20.65 -0.55
C LYS A 263 6.92 -19.21 -1.04
N TYR A 264 8.08 -18.75 -1.50
CA TYR A 264 8.16 -17.42 -2.11
C TYR A 264 7.49 -17.46 -3.48
N GLY A 265 6.70 -16.43 -3.76
CA GLY A 265 5.95 -16.38 -5.01
C GLY A 265 6.16 -15.11 -5.80
N GLY A 266 7.26 -14.42 -5.56
CA GLY A 266 7.61 -13.25 -6.34
C GLY A 266 7.22 -11.95 -5.66
N ARG A 267 7.49 -10.87 -6.38
CA ARG A 267 7.32 -9.52 -5.87
C ARG A 267 5.89 -9.05 -6.07
N ARG A 268 5.55 -7.95 -5.38
CA ARG A 268 4.27 -7.23 -5.57
C ARG A 268 3.10 -8.21 -5.42
N GLY A 269 2.18 -8.27 -6.38
CA GLY A 269 1.07 -9.20 -6.28
C GLY A 269 1.26 -10.45 -7.10
N ASP A 270 2.51 -10.78 -7.49
CA ASP A 270 2.73 -11.96 -8.33
C ASP A 270 2.17 -13.22 -7.69
N SER A 271 2.18 -13.29 -6.35
CA SER A 271 1.75 -14.49 -5.64
C SER A 271 0.25 -14.57 -5.42
N LEU A 272 -0.53 -13.57 -5.87
CA LEU A 272 -1.98 -13.61 -5.72
C LEU A 272 -2.59 -14.94 -6.16
N PRO A 273 -2.29 -15.49 -7.33
CA PRO A 273 -2.92 -16.77 -7.71
C PRO A 273 -2.51 -17.97 -6.85
N MET A 274 -1.34 -17.94 -6.16
CA MET A 274 -1.13 -19.00 -5.18
C MET A 274 -2.24 -19.01 -4.14
N PHE A 275 -2.70 -17.84 -3.72
CA PHE A 275 -3.79 -17.80 -2.78
C PHE A 275 -5.12 -18.14 -3.46
N THR A 276 -5.46 -17.46 -4.55
CA THR A 276 -6.80 -17.67 -5.10
C THR A 276 -6.97 -19.05 -5.75
N ASN A 277 -5.87 -19.71 -6.17
CA ASN A 277 -5.96 -21.08 -6.66
C ASN A 277 -6.11 -22.11 -5.55
N GLY A 278 -5.95 -21.72 -4.28
CA GLY A 278 -5.96 -22.69 -3.21
C GLY A 278 -4.66 -23.43 -2.99
N GLU A 279 -3.53 -22.86 -3.42
CA GLU A 279 -2.24 -23.51 -3.20
C GLU A 279 -1.65 -23.18 -1.83
N CYS A 280 -1.76 -21.94 -1.39
CA CYS A 280 -1.28 -21.53 -0.07
C CYS A 280 -2.45 -21.11 0.79
N GLY A 281 -2.46 -21.57 2.04
CA GLY A 281 -3.61 -21.34 2.89
C GLY A 281 -3.65 -20.01 3.59
N MET A 282 -2.48 -19.37 3.76
CA MET A 282 -2.37 -18.05 4.36
C MET A 282 -1.55 -17.18 3.43
N TRP A 283 -1.92 -15.90 3.35
CA TRP A 283 -1.29 -14.99 2.40
C TRP A 283 -1.37 -13.57 2.96
N MET A 284 -0.24 -12.97 3.32
CA MET A 284 -0.27 -11.58 3.75
C MET A 284 0.00 -10.65 2.58
N ASN A 285 -0.91 -9.70 2.39
CA ASN A 285 -0.75 -8.69 1.35
C ASN A 285 -1.82 -7.64 1.58
N SER A 286 -1.82 -6.64 0.68
CA SER A 286 -2.72 -5.49 0.79
C SER A 286 -4.17 -5.89 1.02
N SER A 287 -4.84 -5.08 1.86
CA SER A 287 -6.29 -5.15 1.95
C SER A 287 -6.94 -4.98 0.57
N ALA A 288 -6.26 -4.32 -0.37
CA ALA A 288 -6.85 -4.03 -1.68
C ALA A 288 -6.89 -5.24 -2.60
N TYR A 289 -6.53 -6.43 -2.14
CA TYR A 289 -6.76 -7.62 -2.95
C TYR A 289 -8.16 -8.20 -2.74
N TYR A 290 -8.97 -7.54 -1.93
CA TYR A 290 -10.31 -8.02 -1.60
C TYR A 290 -11.16 -8.22 -2.85
N GLY A 291 -11.18 -7.23 -3.74
CA GLY A 291 -11.96 -7.37 -4.97
C GLY A 291 -11.53 -8.59 -5.78
N SER A 292 -10.22 -8.72 -5.99
CA SER A 292 -9.71 -9.85 -6.77
C SER A 292 -10.03 -11.18 -6.09
N ILE A 293 -9.80 -11.26 -4.77
CA ILE A 293 -10.01 -12.51 -4.06
C ILE A 293 -11.47 -12.91 -4.08
N LYS A 294 -12.37 -11.94 -3.86
CA LYS A 294 -13.80 -12.23 -3.80
C LYS A 294 -14.32 -12.79 -5.12
N SER A 295 -13.74 -12.40 -6.25
CA SER A 295 -14.21 -12.93 -7.52
C SER A 295 -13.47 -14.17 -7.99
N GLN A 296 -12.26 -14.40 -7.50
CA GLN A 296 -11.41 -15.49 -8.01
C GLN A 296 -11.27 -16.71 -7.10
N ALA A 297 -11.55 -16.56 -5.82
CA ALA A 297 -11.39 -17.67 -4.87
C ALA A 297 -12.67 -18.50 -4.85
N GLU A 298 -12.52 -19.80 -5.08
CA GLU A 298 -13.63 -20.76 -5.02
C GLU A 298 -13.88 -21.27 -3.62
N PHE A 299 -13.10 -20.83 -2.64
CA PHE A 299 -13.21 -21.30 -1.27
C PHE A 299 -13.74 -20.18 -0.40
N GLU A 300 -14.07 -20.52 0.84
CA GLU A 300 -14.44 -19.49 1.80
C GLU A 300 -13.17 -18.84 2.32
N PHE A 301 -13.12 -17.50 2.25
CA PHE A 301 -11.91 -16.80 2.66
C PHE A 301 -12.21 -15.80 3.77
N GLY A 302 -11.15 -15.37 4.45
CA GLY A 302 -11.27 -14.34 5.44
C GLY A 302 -10.00 -13.52 5.50
N GLN A 303 -10.04 -12.48 6.30
CA GLN A 303 -8.86 -11.69 6.58
C GLN A 303 -8.83 -11.35 8.06
N THR A 304 -7.62 -11.25 8.59
CA THR A 304 -7.43 -10.92 10.00
C THR A 304 -6.19 -10.04 10.09
N MET A 305 -5.92 -9.54 11.30
CA MET A 305 -4.79 -8.65 11.45
C MET A 305 -3.47 -9.42 11.34
N LEU A 306 -2.41 -8.67 11.06
CA LEU A 306 -1.08 -9.26 10.86
C LEU A 306 -0.65 -10.04 12.10
N PRO A 307 0.07 -11.14 11.91
CA PRO A 307 0.54 -11.92 13.07
C PRO A 307 1.54 -11.14 13.93
N LEU A 308 1.46 -11.39 15.23
CA LEU A 308 2.34 -10.78 16.20
C LEU A 308 3.53 -11.70 16.44
N ASP A 309 4.72 -11.15 16.32
CA ASP A 309 5.93 -11.88 16.69
C ASP A 309 6.12 -11.72 18.19
N THR A 310 5.69 -12.73 18.94
CA THR A 310 5.72 -12.63 20.40
C THR A 310 7.14 -12.70 20.95
N SER A 311 8.14 -13.03 20.14
CA SER A 311 9.51 -12.89 20.59
C SER A 311 10.02 -11.46 20.48
N VAL A 312 9.25 -10.56 19.87
CA VAL A 312 9.64 -9.17 19.69
C VAL A 312 8.80 -8.24 20.56
N ALA A 313 7.51 -8.50 20.68
CA ALA A 313 6.61 -7.61 21.40
C ALA A 313 5.49 -8.44 22.01
N ASP A 314 4.99 -7.96 23.14
CA ASP A 314 3.87 -8.59 23.82
C ASP A 314 2.54 -8.26 23.17
N ALA A 315 2.47 -7.16 22.43
CA ALA A 315 1.25 -6.66 21.83
C ALA A 315 1.61 -5.82 20.60
N PRO A 316 0.74 -5.76 19.60
CA PRO A 316 1.04 -4.97 18.40
C PRO A 316 0.89 -3.47 18.63
N GLN A 317 1.49 -2.70 17.73
CA GLN A 317 1.37 -1.24 17.72
C GLN A 317 0.26 -0.81 16.78
N ASN A 318 0.58 -0.55 15.51
CA ASN A 318 -0.40 -0.39 14.45
C ASN A 318 0.31 -0.62 13.13
N SER A 319 -0.47 -0.77 12.05
CA SER A 319 0.14 -0.95 10.74
C SER A 319 0.15 0.38 10.00
N ILE A 320 0.74 0.38 8.81
CA ILE A 320 1.00 1.62 8.09
C ILE A 320 0.46 1.57 6.66
N ILE A 321 0.49 2.74 6.04
CA ILE A 321 -0.16 2.99 4.76
C ILE A 321 0.57 2.31 3.61
N GLY A 322 -0.21 1.78 2.67
CA GLY A 322 0.24 1.51 1.31
C GLY A 322 -0.76 2.11 0.33
N GLY A 323 -0.64 1.75 -0.93
CA GLY A 323 -1.51 2.30 -1.96
C GLY A 323 -0.91 3.54 -2.54
N ALA A 324 -1.73 4.55 -2.85
CA ALA A 324 -1.20 5.69 -3.58
C ALA A 324 -1.99 6.94 -3.22
N THR A 325 -1.56 8.08 -3.77
CA THR A 325 -2.37 9.30 -3.82
C THR A 325 -2.32 9.82 -5.24
N LEU A 326 -3.14 10.83 -5.53
CA LEU A 326 -3.22 11.39 -6.87
C LEU A 326 -2.56 12.76 -6.91
N TRP A 327 -1.53 12.88 -7.74
CA TRP A 327 -0.78 14.11 -7.91
C TRP A 327 -1.20 14.82 -9.19
N VAL A 328 -1.35 16.12 -9.10
CA VAL A 328 -1.73 16.94 -10.25
C VAL A 328 -0.48 17.60 -10.78
N LEU A 329 -0.24 17.46 -12.08
CA LEU A 329 1.01 17.89 -12.67
C LEU A 329 0.88 19.31 -13.24
N ALA A 330 1.99 20.04 -13.15
CA ALA A 330 2.05 21.41 -13.63
C ALA A 330 2.10 21.41 -15.16
N GLY A 331 1.92 22.60 -15.73
CA GLY A 331 2.15 22.81 -17.15
C GLY A 331 0.93 22.71 -18.05
N HIS A 332 -0.26 22.64 -17.50
CA HIS A 332 -1.46 22.48 -18.31
C HIS A 332 -2.26 23.78 -18.31
N ASP A 333 -3.37 23.78 -19.02
CA ASP A 333 -4.17 25.00 -19.17
C ASP A 333 -5.36 25.01 -18.21
N GLU A 334 -6.03 26.17 -18.16
CA GLU A 334 -7.00 26.43 -17.10
C GLU A 334 -8.19 25.49 -17.19
N GLU A 335 -8.67 25.21 -18.40
CA GLU A 335 -9.82 24.31 -18.52
C GLU A 335 -9.44 22.90 -18.12
N GLU A 336 -8.24 22.47 -18.48
CA GLU A 336 -7.79 21.14 -18.08
C GLU A 336 -7.74 21.03 -16.56
N TYR A 337 -7.29 22.09 -15.90
CA TYR A 337 -7.28 22.06 -14.43
C TYR A 337 -8.68 22.19 -13.84
N LYS A 338 -9.57 22.95 -14.48
CA LYS A 338 -10.95 23.00 -13.99
C LYS A 338 -11.59 21.62 -14.03
N GLY A 339 -11.42 20.89 -15.14
CA GLY A 339 -11.95 19.54 -15.21
C GLY A 339 -11.29 18.61 -14.23
N THR A 340 -9.97 18.75 -14.05
CA THR A 340 -9.25 17.97 -13.05
C THR A 340 -9.85 18.19 -11.67
N ALA A 341 -10.07 19.45 -11.31
CA ALA A 341 -10.62 19.75 -9.98
C ALA A 341 -12.03 19.22 -9.84
N GLN A 342 -12.87 19.33 -10.88
CA GLN A 342 -14.22 18.80 -10.80
C GLN A 342 -14.20 17.28 -10.66
N PHE A 343 -13.25 16.62 -11.33
CA PHE A 343 -13.13 15.18 -11.14
C PHE A 343 -12.70 14.85 -9.72
N LEU A 344 -11.76 15.60 -9.15
CA LEU A 344 -11.34 15.34 -7.78
C LEU A 344 -12.50 15.58 -6.81
N THR A 345 -13.37 16.54 -7.11
CA THR A 345 -14.57 16.70 -6.29
C THR A 345 -15.44 15.47 -6.37
N TYR A 346 -15.63 14.91 -7.57
CA TYR A 346 -16.42 13.70 -7.72
C TYR A 346 -15.84 12.57 -6.90
N LEU A 347 -14.51 12.42 -6.90
CA LEU A 347 -13.84 11.45 -6.04
C LEU A 347 -13.92 11.78 -4.56
N SER A 348 -14.30 13.00 -4.20
CA SER A 348 -14.31 13.43 -2.80
C SER A 348 -15.60 13.08 -2.08
N SER A 349 -16.57 12.56 -2.78
CA SER A 349 -17.86 12.32 -2.17
C SER A 349 -17.82 11.05 -1.32
N PRO A 350 -18.48 11.05 -0.15
CA PRO A 350 -18.49 9.84 0.67
C PRO A 350 -19.04 8.64 -0.07
N GLU A 351 -20.00 8.84 -0.97
CA GLU A 351 -20.61 7.74 -1.70
C GLU A 351 -19.62 7.07 -2.64
N VAL A 352 -18.86 7.86 -3.39
CA VAL A 352 -17.85 7.29 -4.28
C VAL A 352 -16.72 6.66 -3.48
N GLN A 353 -16.32 7.31 -2.38
CA GLN A 353 -15.26 6.78 -1.54
C GLN A 353 -15.68 5.46 -0.90
N ALA A 354 -16.93 5.37 -0.44
CA ALA A 354 -17.41 4.13 0.15
C ALA A 354 -17.52 3.03 -0.91
N TRP A 355 -18.01 3.38 -2.10
CA TRP A 355 -18.10 2.40 -3.17
C TRP A 355 -16.72 1.85 -3.53
N TRP A 356 -15.75 2.75 -3.68
CA TRP A 356 -14.39 2.32 -4.01
C TRP A 356 -13.84 1.37 -2.95
N HIS A 357 -13.97 1.76 -1.67
CA HIS A 357 -13.51 0.90 -0.59
C HIS A 357 -14.20 -0.45 -0.62
N GLN A 358 -15.52 -0.45 -0.81
CA GLN A 358 -16.27 -1.71 -0.76
C GLN A 358 -15.88 -2.65 -1.89
N GLU A 359 -15.64 -2.10 -3.08
CA GLU A 359 -15.36 -2.92 -4.24
C GLU A 359 -13.93 -3.41 -4.29
N THR A 360 -13.00 -2.68 -3.68
CA THR A 360 -11.58 -2.98 -3.85
C THR A 360 -10.89 -3.55 -2.61
N GLY A 361 -11.23 -3.08 -1.42
CA GLY A 361 -10.45 -3.38 -0.24
C GLY A 361 -9.50 -2.29 0.18
N TYR A 362 -9.34 -1.23 -0.62
CA TYR A 362 -8.72 -0.02 -0.09
C TYR A 362 -9.61 0.48 1.05
N VAL A 363 -9.00 1.11 2.04
CA VAL A 363 -9.76 1.56 3.22
C VAL A 363 -10.72 2.69 2.85
N PRO A 364 -11.81 2.89 3.58
CA PRO A 364 -12.58 4.12 3.35
C PRO A 364 -11.70 5.32 3.66
N ILE A 365 -11.51 6.18 2.66
CA ILE A 365 -10.47 7.20 2.79
C ILE A 365 -10.87 8.36 3.71
N THR A 366 -12.16 8.52 3.98
CA THR A 366 -12.65 9.51 4.93
C THR A 366 -13.43 8.78 6.02
N THR A 367 -13.48 9.42 7.18
CA THR A 367 -14.35 8.94 8.24
C THR A 367 -15.79 8.83 7.75
N ALA A 368 -16.23 9.81 6.95
CA ALA A 368 -17.61 9.77 6.43
C ALA A 368 -17.86 8.54 5.58
N ALA A 369 -16.89 8.15 4.74
CA ALA A 369 -17.07 6.96 3.93
C ALA A 369 -17.15 5.71 4.79
N TYR A 370 -16.39 5.67 5.89
CA TYR A 370 -16.48 4.52 6.79
C TYR A 370 -17.85 4.46 7.44
N GLU A 371 -18.34 5.59 7.94
CA GLU A 371 -19.65 5.59 8.59
C GLU A 371 -20.75 5.25 7.59
N LEU A 372 -20.66 5.74 6.35
CA LEU A 372 -21.63 5.36 5.33
C LEU A 372 -21.61 3.84 5.09
N SER A 373 -20.43 3.25 4.94
CA SER A 373 -20.37 1.81 4.74
C SER A 373 -20.93 1.06 5.94
N LYS A 374 -20.70 1.55 7.15
CA LYS A 374 -21.21 0.86 8.32
C LYS A 374 -22.73 0.93 8.37
N GLU A 375 -23.29 2.12 8.14
CA GLU A 375 -24.74 2.29 8.10
C GLU A 375 -25.37 1.43 7.01
N GLN A 376 -24.65 1.21 5.91
CA GLN A 376 -25.16 0.34 4.85
C GLN A 376 -25.07 -1.13 5.22
N GLY A 377 -24.57 -1.46 6.41
CA GLY A 377 -24.41 -2.85 6.82
C GLY A 377 -23.26 -3.59 6.18
N PHE A 378 -22.34 -2.87 5.52
CA PHE A 378 -21.29 -3.55 4.75
C PHE A 378 -20.40 -4.41 5.63
N TYR A 379 -20.09 -3.94 6.84
CA TYR A 379 -19.20 -4.73 7.71
C TYR A 379 -19.92 -5.90 8.34
N GLU A 380 -21.25 -5.88 8.33
CA GLU A 380 -22.01 -7.06 8.75
C GLU A 380 -22.17 -8.05 7.60
N SER A 381 -22.40 -7.55 6.38
CA SER A 381 -22.63 -8.41 5.23
C SER A 381 -21.34 -8.95 4.61
N ASN A 382 -20.20 -8.32 4.89
CA ASN A 382 -18.93 -8.65 4.27
C ASN A 382 -17.93 -8.72 5.41
N PRO A 383 -17.97 -9.79 6.22
CA PRO A 383 -17.19 -9.81 7.46
C PRO A 383 -15.69 -9.66 7.21
N GLY A 384 -15.06 -8.83 8.01
CA GLY A 384 -13.62 -8.65 7.97
C GLY A 384 -13.16 -7.45 7.16
N THR A 385 -14.04 -6.83 6.39
CA THR A 385 -13.65 -5.68 5.59
C THR A 385 -13.36 -4.43 6.39
N ASP A 386 -13.53 -4.43 7.72
CA ASP A 386 -13.06 -3.32 8.54
C ASP A 386 -11.72 -3.63 9.22
N THR A 387 -11.06 -4.71 8.82
CA THR A 387 -9.80 -5.08 9.43
C THR A 387 -8.73 -4.01 9.17
N ALA A 388 -8.61 -3.58 7.92
CA ALA A 388 -7.53 -2.68 7.55
C ALA A 388 -7.65 -1.34 8.25
N ILE A 389 -8.86 -0.72 8.25
CA ILE A 389 -8.98 0.58 8.90
C ILE A 389 -8.74 0.47 10.41
N GLN A 390 -9.20 -0.63 11.02
CA GLN A 390 -8.94 -0.84 12.45
C GLN A 390 -7.44 -1.02 12.74
N GLN A 391 -6.75 -1.74 11.86
CA GLN A 391 -5.34 -2.03 12.09
C GLN A 391 -4.47 -0.80 11.92
N LEU A 392 -4.83 0.10 10.99
CA LEU A 392 -4.07 1.33 10.84
C LEU A 392 -4.12 2.18 12.10
N SER A 393 -5.24 2.12 12.83
CA SER A 393 -5.44 2.99 13.99
C SER A 393 -5.57 2.20 15.28
N LEU A 394 -4.90 1.05 15.35
CA LEU A 394 -5.10 0.14 16.50
C LEU A 394 -4.72 0.80 17.81
N ASN A 395 -3.67 1.62 17.81
CA ASN A 395 -3.17 2.26 19.02
C ASN A 395 -2.67 3.64 18.64
N THR A 396 -2.60 4.54 19.61
CA THR A 396 -1.98 5.83 19.38
C THR A 396 -0.60 5.63 18.76
N PRO A 397 -0.30 6.25 17.63
CA PRO A 397 0.97 5.97 16.95
C PRO A 397 2.18 6.61 17.62
N THR A 398 3.34 6.08 17.26
CA THR A 398 4.66 6.54 17.66
C THR A 398 5.36 6.95 16.38
N PRO A 399 6.52 7.64 16.45
CA PRO A 399 7.26 7.89 15.22
C PRO A 399 7.55 6.62 14.43
N ASN A 400 7.72 5.48 15.11
CA ASN A 400 7.98 4.21 14.42
C ASN A 400 6.75 3.65 13.72
N SER A 401 5.55 4.13 14.02
CA SER A 401 4.34 3.57 13.42
C SER A 401 3.55 4.62 12.64
N ARG A 402 4.18 5.76 12.35
CA ARG A 402 3.53 6.78 11.52
C ARG A 402 3.50 6.40 10.05
N GLY A 403 4.53 5.71 9.58
CA GLY A 403 4.74 5.44 8.19
C GLY A 403 6.18 5.74 7.86
N LEU A 404 6.46 5.91 6.56
CA LEU A 404 7.82 6.13 6.07
C LEU A 404 7.82 7.32 5.14
N ARG A 405 8.94 8.03 5.08
CA ARG A 405 9.13 9.09 4.09
C ARG A 405 10.60 9.17 3.69
N PHE A 406 10.97 8.43 2.64
CA PHE A 406 12.34 8.33 2.17
C PHE A 406 12.42 8.72 0.72
N GLY A 407 13.32 9.64 0.39
CA GLY A 407 13.61 9.91 -1.01
C GLY A 407 14.30 8.72 -1.65
N ASN A 408 14.07 8.56 -2.95
CA ASN A 408 14.64 7.46 -3.73
C ASN A 408 14.17 6.10 -3.22
N PHE A 409 13.03 6.05 -2.53
CA PHE A 409 12.58 4.77 -2.00
C PHE A 409 12.11 3.82 -3.11
N VAL A 410 11.77 4.33 -4.29
CA VAL A 410 11.51 3.43 -5.42
C VAL A 410 12.71 2.53 -5.68
N GLN A 411 13.90 3.12 -5.68
CA GLN A 411 15.13 2.35 -5.91
C GLN A 411 15.49 1.50 -4.71
N VAL A 412 15.29 2.01 -3.49
CA VAL A 412 15.53 1.21 -2.30
C VAL A 412 14.65 -0.04 -2.30
N ARG A 413 13.41 0.09 -2.76
CA ARG A 413 12.51 -1.07 -2.80
C ARG A 413 13.11 -2.19 -3.63
N ASP A 414 13.73 -1.86 -4.77
CA ASP A 414 14.39 -2.90 -5.55
C ASP A 414 15.50 -3.56 -4.75
N VAL A 415 16.31 -2.75 -4.07
CA VAL A 415 17.41 -3.26 -3.25
C VAL A 415 16.88 -4.26 -2.22
N ILE A 416 15.84 -3.88 -1.47
CA ILE A 416 15.35 -4.74 -0.40
C ILE A 416 14.77 -6.02 -0.96
N ASN A 417 14.01 -5.92 -2.05
CA ASN A 417 13.48 -7.12 -2.68
C ASN A 417 14.58 -8.05 -3.17
N GLU A 418 15.62 -7.51 -3.78
CA GLU A 418 16.73 -8.35 -4.22
C GLU A 418 17.36 -9.07 -3.04
N GLU A 419 17.58 -8.37 -1.93
CA GLU A 419 18.25 -9.00 -0.80
C GLU A 419 17.36 -10.02 -0.11
N LEU A 420 16.06 -9.74 0.00
CA LEU A 420 15.18 -10.77 0.56
C LEU A 420 15.12 -11.99 -0.36
N GLU A 421 15.20 -11.79 -1.67
CA GLU A 421 15.22 -12.94 -2.57
C GLU A 421 16.47 -13.78 -2.37
N ALA A 422 17.58 -13.13 -1.99
CA ALA A 422 18.78 -13.89 -1.64
C ALA A 422 18.55 -14.76 -0.40
N VAL A 423 17.76 -14.28 0.55
CA VAL A 423 17.46 -15.07 1.74
C VAL A 423 16.63 -16.29 1.38
N TRP A 424 15.56 -16.10 0.59
CA TRP A 424 14.71 -17.23 0.24
C TRP A 424 15.44 -18.25 -0.61
N ALA A 425 16.40 -17.80 -1.42
CA ALA A 425 17.19 -18.71 -2.24
C ALA A 425 18.26 -19.43 -1.44
N GLY A 426 18.48 -19.05 -0.18
CA GLY A 426 19.53 -19.66 0.62
C GLY A 426 20.93 -19.17 0.32
N ASP A 427 21.07 -18.06 -0.41
CA ASP A 427 22.37 -17.52 -0.74
C ASP A 427 22.95 -16.63 0.36
N LYS A 428 22.10 -16.06 1.21
CA LYS A 428 22.52 -15.14 2.27
C LYS A 428 21.65 -15.40 3.50
N SER A 429 22.24 -15.19 4.68
CA SER A 429 21.45 -15.10 5.89
C SER A 429 20.67 -13.80 5.89
N ALA A 430 19.60 -13.76 6.69
CA ALA A 430 18.85 -12.51 6.79
C ALA A 430 19.70 -11.39 7.39
N THR A 431 20.59 -11.71 8.32
CA THR A 431 21.44 -10.67 8.91
C THR A 431 22.30 -10.03 7.82
N ASP A 432 22.94 -10.85 6.99
CA ASP A 432 23.80 -10.30 5.93
C ASP A 432 22.98 -9.59 4.85
N ALA A 433 21.81 -10.15 4.50
CA ALA A 433 21.01 -9.53 3.46
C ALA A 433 20.46 -8.18 3.89
N LEU A 434 20.01 -8.08 5.15
CA LEU A 434 19.50 -6.81 5.65
C LEU A 434 20.62 -5.80 5.78
N ASN A 435 21.80 -6.24 6.20
CA ASN A 435 22.92 -5.31 6.29
C ASN A 435 23.27 -4.77 4.91
N ALA A 436 23.27 -5.63 3.89
CA ALA A 436 23.54 -5.17 2.52
C ALA A 436 22.44 -4.24 2.03
N ALA A 437 21.18 -4.56 2.33
CA ALA A 437 20.06 -3.70 1.92
C ALA A 437 20.18 -2.32 2.55
N ALA A 438 20.57 -2.26 3.82
CA ALA A 438 20.69 -0.98 4.51
C ALA A 438 21.87 -0.18 3.95
N GLU A 439 23.00 -0.84 3.72
CA GLU A 439 24.15 -0.17 3.12
C GLU A 439 23.82 0.38 1.73
N ARG A 440 23.27 -0.47 0.85
CA ARG A 440 22.92 -0.01 -0.49
C ARG A 440 21.82 1.04 -0.43
N GLY A 441 20.85 0.84 0.45
CA GLY A 441 19.80 1.84 0.61
C GLY A 441 20.34 3.19 1.08
N ASN A 442 21.29 3.17 2.01
CA ASN A 442 21.84 4.44 2.50
C ASN A 442 22.52 5.24 1.38
N THR A 443 23.23 4.55 0.49
CA THR A 443 23.81 5.25 -0.65
C THR A 443 22.74 5.99 -1.44
N LEU A 444 21.57 5.38 -1.61
CA LEU A 444 20.48 6.06 -2.31
C LEU A 444 19.91 7.22 -1.51
N LEU A 445 19.81 7.06 -0.19
CA LEU A 445 19.34 8.17 0.65
C LEU A 445 20.31 9.34 0.58
N ARG A 446 21.62 9.06 0.53
CA ARG A 446 22.60 10.15 0.43
C ARG A 446 22.51 10.84 -0.92
N LYS A 447 22.33 10.08 -2.00
CA LYS A 447 22.11 10.69 -3.31
C LYS A 447 20.91 11.63 -3.27
N PHE A 448 19.81 11.19 -2.66
CA PHE A 448 18.63 12.04 -2.57
C PHE A 448 18.92 13.30 -1.79
N GLU A 449 19.63 13.16 -0.67
CA GLU A 449 19.91 14.31 0.19
C GLU A 449 20.77 15.33 -0.54
N ARG A 450 21.74 14.84 -1.33
CA ARG A 450 22.63 15.76 -2.03
C ARG A 450 21.87 16.56 -3.08
N SER A 451 20.88 15.95 -3.72
CA SER A 451 20.10 16.65 -4.75
C SER A 451 18.99 17.50 -4.15
N ALA A 452 18.48 17.15 -2.96
CA ALA A 452 17.32 17.83 -2.40
C ALA A 452 17.67 19.14 -1.69
N LYS A 453 18.89 19.65 -1.88
CA LYS A 453 19.25 20.98 -1.40
C LYS A 453 19.66 21.87 -2.57
#